data_5WCV
#
_entry.id   5WCV
#
_entity_poly.entity_id   1
_entity_poly.type   'polypeptide(L)'
_entity_poly.pdbx_seq_one_letter_code
;CENTISGCSRADCLLTHRKQGCQKTCGLC
;
_entity_poly.pdbx_strand_id   A
#
# COMPACT_ATOMS: atom_id res chain seq x y z
N CYS A 1 3.53 0.84 -12.11
CA CYS A 1 2.96 0.05 -10.96
C CYS A 1 2.05 0.94 -10.14
N GLU A 2 1.07 0.31 -9.46
CA GLU A 2 0.16 1.08 -8.65
C GLU A 2 -0.45 0.13 -7.66
N ASN A 3 -1.27 0.67 -6.72
CA ASN A 3 -1.89 -0.17 -5.73
C ASN A 3 -2.98 -0.94 -6.43
N THR A 4 -3.30 -2.15 -5.91
CA THR A 4 -4.34 -2.96 -6.54
C THR A 4 -5.62 -2.76 -5.76
N ILE A 5 -5.56 -1.96 -4.69
CA ILE A 5 -6.75 -1.73 -3.89
C ILE A 5 -6.85 -0.25 -3.66
N SER A 6 -8.05 0.21 -3.25
CA SER A 6 -8.24 1.62 -2.99
C SER A 6 -8.37 1.79 -1.50
N GLY A 7 -8.54 3.06 -1.06
CA GLY A 7 -8.66 3.30 0.37
C GLY A 7 -7.32 3.07 0.97
N CYS A 8 -6.26 3.41 0.22
CA CYS A 8 -4.91 3.23 0.70
C CYS A 8 -4.59 4.38 1.61
N SER A 9 -3.75 4.11 2.63
CA SER A 9 -3.36 5.14 3.54
C SER A 9 -1.90 4.98 3.80
N ARG A 10 -1.22 6.05 4.27
CA ARG A 10 0.20 5.96 4.53
C ARG A 10 0.38 5.07 5.74
N ALA A 11 -0.71 4.88 6.53
CA ALA A 11 -0.61 4.05 7.71
C ALA A 11 -0.70 2.61 7.26
N ASP A 12 -1.04 2.39 5.97
CA ASP A 12 -1.15 1.05 5.47
C ASP A 12 0.26 0.59 5.12
N CYS A 13 1.21 1.54 5.08
CA CYS A 13 2.59 1.21 4.75
C CYS A 13 3.21 0.64 6.00
N LEU A 14 2.54 0.85 7.15
CA LEU A 14 3.07 0.35 8.39
C LEU A 14 2.57 -1.08 8.55
N LEU A 15 1.72 -1.53 7.61
CA LEU A 15 1.20 -2.87 7.67
C LEU A 15 1.88 -3.65 6.59
N THR A 16 2.28 -4.91 6.90
CA THR A 16 2.95 -5.72 5.92
C THR A 16 1.94 -6.64 5.31
N HIS A 17 0.69 -6.61 5.83
CA HIS A 17 -0.33 -7.47 5.29
C HIS A 17 -1.24 -6.63 4.44
N ARG A 18 -0.88 -5.34 4.24
CA ARG A 18 -1.71 -4.48 3.44
C ARG A 18 -0.81 -3.72 2.48
N LYS A 19 0.52 -3.81 2.70
CA LYS A 19 1.45 -3.11 1.83
C LYS A 19 1.44 -3.80 0.49
N GLN A 20 1.02 -5.09 0.48
CA GLN A 20 0.98 -5.82 -0.77
C GLN A 20 -0.10 -5.20 -1.63
N GLY A 21 -1.26 -4.86 -1.01
CA GLY A 21 -2.34 -4.28 -1.77
C GLY A 21 -1.99 -2.84 -2.02
N CYS A 22 -1.53 -2.13 -0.97
CA CYS A 22 -1.18 -0.74 -1.13
C CYS A 22 0.31 -0.67 -1.14
N GLN A 23 0.91 -0.87 -2.32
CA GLN A 23 2.34 -0.83 -2.43
C GLN A 23 2.72 0.55 -2.93
N LYS A 24 1.81 1.18 -3.69
CA LYS A 24 2.09 2.50 -4.23
C LYS A 24 2.07 3.49 -3.09
N THR A 25 1.16 3.29 -2.12
CA THR A 25 1.05 4.22 -1.00
C THR A 25 2.16 3.88 -0.03
N CYS A 26 2.68 2.65 -0.11
CA CYS A 26 3.73 2.26 0.80
C CYS A 26 5.02 2.84 0.26
N GLY A 27 5.15 2.90 -1.09
CA GLY A 27 6.35 3.45 -1.68
C GLY A 27 7.21 2.30 -2.11
N LEU A 28 6.63 1.08 -2.10
CA LEU A 28 7.39 -0.09 -2.51
C LEU A 28 7.71 0.09 -3.97
N CYS A 29 6.74 0.62 -4.74
CA CYS A 29 6.98 0.82 -6.16
C CYS A 29 6.27 2.11 -6.55
N CYS A 1 3.54 0.91 -12.14
CA CYS A 1 2.94 0.12 -11.01
C CYS A 1 2.04 0.99 -10.18
N GLU A 2 1.06 0.36 -9.49
CA GLU A 2 0.15 1.13 -8.68
C GLU A 2 -0.44 0.17 -7.69
N ASN A 3 -1.27 0.71 -6.76
CA ASN A 3 -1.89 -0.14 -5.76
C ASN A 3 -2.97 -0.93 -6.46
N THR A 4 -3.30 -2.13 -5.93
CA THR A 4 -4.32 -2.94 -6.56
C THR A 4 -5.60 -2.76 -5.77
N ILE A 5 -5.55 -1.97 -4.68
CA ILE A 5 -6.73 -1.75 -3.89
C ILE A 5 -6.84 -0.27 -3.64
N SER A 6 -8.04 0.17 -3.20
CA SER A 6 -8.24 1.59 -2.94
C SER A 6 -8.33 1.74 -1.45
N GLY A 7 -8.54 3.00 -0.98
CA GLY A 7 -8.62 3.25 0.45
C GLY A 7 -7.25 3.06 1.00
N CYS A 8 -6.22 3.44 0.22
CA CYS A 8 -4.87 3.29 0.67
C CYS A 8 -4.57 4.44 1.59
N SER A 9 -3.71 4.18 2.60
CA SER A 9 -3.36 5.21 3.54
C SER A 9 -1.89 5.06 3.82
N ARG A 10 -1.25 6.13 4.34
CA ARG A 10 0.17 6.06 4.64
C ARG A 10 0.34 5.12 5.81
N ALA A 11 -0.72 4.95 6.61
CA ALA A 11 -0.64 4.07 7.76
C ALA A 11 -0.75 2.64 7.26
N ASP A 12 -1.09 2.49 5.96
CA ASP A 12 -1.22 1.16 5.41
C ASP A 12 0.17 0.67 5.06
N CYS A 13 1.15 1.60 5.05
CA CYS A 13 2.52 1.24 4.73
C CYS A 13 3.12 0.65 5.98
N LEU A 14 2.45 0.86 7.13
CA LEU A 14 2.97 0.34 8.38
C LEU A 14 2.47 -1.08 8.52
N LEU A 15 1.63 -1.52 7.57
CA LEU A 15 1.11 -2.87 7.63
C LEU A 15 1.86 -3.68 6.62
N THR A 16 2.27 -4.90 6.99
CA THR A 16 3.01 -5.74 6.07
C THR A 16 2.04 -6.69 5.43
N HIS A 17 0.77 -6.67 5.86
CA HIS A 17 -0.21 -7.57 5.29
C HIS A 17 -1.13 -6.75 4.43
N ARG A 18 -0.82 -5.45 4.25
CA ARG A 18 -1.67 -4.62 3.43
C ARG A 18 -0.78 -3.82 2.50
N LYS A 19 0.56 -3.88 2.71
CA LYS A 19 1.47 -3.14 1.86
C LYS A 19 1.46 -3.79 0.51
N GLN A 20 1.05 -5.07 0.45
CA GLN A 20 1.01 -5.77 -0.82
C GLN A 20 -0.10 -5.16 -1.64
N GLY A 21 -1.25 -4.85 -0.98
CA GLY A 21 -2.36 -4.26 -1.71
C GLY A 21 -2.02 -2.83 -2.01
N CYS A 22 -1.55 -2.10 -0.97
CA CYS A 22 -1.20 -0.71 -1.18
C CYS A 22 0.29 -0.63 -1.18
N GLN A 23 0.89 -0.88 -2.35
CA GLN A 23 2.33 -0.84 -2.44
C GLN A 23 2.72 0.53 -2.95
N LYS A 24 1.81 1.17 -3.71
CA LYS A 24 2.10 2.49 -4.26
C LYS A 24 2.09 3.48 -3.12
N THR A 25 1.18 3.29 -2.15
CA THR A 25 1.09 4.22 -1.03
C THR A 25 2.18 3.88 -0.05
N CYS A 26 2.68 2.64 -0.12
CA CYS A 26 3.73 2.23 0.79
C CYS A 26 5.03 2.79 0.27
N GLY A 27 5.18 2.84 -1.08
CA GLY A 27 6.39 3.37 -1.67
C GLY A 27 7.22 2.22 -2.11
N LEU A 28 6.63 1.01 -2.11
CA LEU A 28 7.37 -0.16 -2.53
C LEU A 28 7.70 0.00 -3.99
N CYS A 29 6.74 0.55 -4.77
CA CYS A 29 6.97 0.76 -6.18
C CYS A 29 6.29 2.07 -6.56
N CYS A 1 4.06 1.39 -10.75
CA CYS A 1 3.33 0.37 -9.92
C CYS A 1 2.23 1.03 -9.15
N GLU A 2 0.97 0.65 -9.45
CA GLU A 2 -0.15 1.24 -8.76
C GLU A 2 -0.60 0.25 -7.73
N ASN A 3 -1.50 0.70 -6.83
CA ASN A 3 -1.99 -0.18 -5.80
C ASN A 3 -3.05 -1.03 -6.45
N THR A 4 -3.36 -2.19 -5.82
CA THR A 4 -4.37 -3.08 -6.38
C THR A 4 -5.66 -2.87 -5.61
N ILE A 5 -5.62 -2.00 -4.59
CA ILE A 5 -6.81 -1.76 -3.80
C ILE A 5 -6.95 -0.28 -3.62
N SER A 6 -8.15 0.17 -3.21
CA SER A 6 -8.38 1.58 -3.01
C SER A 6 -8.50 1.80 -1.52
N GLY A 7 -8.57 3.08 -1.09
CA GLY A 7 -8.69 3.37 0.32
C GLY A 7 -7.34 3.13 0.92
N CYS A 8 -6.28 3.47 0.18
CA CYS A 8 -4.95 3.26 0.68
C CYS A 8 -4.61 4.40 1.59
N SER A 9 -3.77 4.13 2.61
CA SER A 9 -3.38 5.16 3.53
C SER A 9 -1.92 4.98 3.77
N ARG A 10 -1.24 6.05 4.25
CA ARG A 10 0.18 5.97 4.52
C ARG A 10 0.37 5.07 5.71
N ALA A 11 -0.71 4.86 6.49
CA ALA A 11 -0.61 4.01 7.66
C ALA A 11 -0.68 2.58 7.20
N ASP A 12 -1.03 2.37 5.90
CA ASP A 12 -1.12 1.02 5.39
C ASP A 12 0.29 0.59 5.03
N CYS A 13 1.24 1.56 5.02
CA CYS A 13 2.61 1.25 4.69
C CYS A 13 3.24 0.68 5.93
N LEU A 14 2.58 0.87 7.08
CA LEU A 14 3.11 0.37 8.33
C LEU A 14 2.65 -1.05 8.48
N LEU A 15 1.77 -1.51 7.56
CA LEU A 15 1.29 -2.87 7.63
C LEU A 15 1.96 -3.64 6.53
N THR A 16 2.38 -4.88 6.82
CA THR A 16 3.05 -5.68 5.81
C THR A 16 2.03 -6.61 5.22
N HIS A 17 0.80 -6.59 5.76
CA HIS A 17 -0.23 -7.46 5.25
C HIS A 17 -1.16 -6.63 4.40
N ARG A 18 -0.82 -5.33 4.23
CA ARG A 18 -1.68 -4.48 3.44
C ARG A 18 -0.79 -3.72 2.46
N LYS A 19 0.55 -3.81 2.65
CA LYS A 19 1.45 -3.12 1.76
C LYS A 19 1.40 -3.82 0.43
N GLN A 20 0.99 -5.10 0.42
CA GLN A 20 0.92 -5.84 -0.82
C GLN A 20 -0.18 -5.24 -1.65
N GLY A 21 -1.32 -4.88 -1.00
CA GLY A 21 -2.42 -4.30 -1.73
C GLY A 21 -2.07 -2.86 -2.02
N CYS A 22 -1.58 -2.14 -0.98
CA CYS A 22 -1.22 -0.75 -1.17
C CYS A 22 0.26 -0.67 -1.20
N GLN A 23 0.85 -0.85 -2.38
CA GLN A 23 2.29 -0.80 -2.50
C GLN A 23 2.65 0.57 -3.03
N LYS A 24 1.72 1.21 -3.76
CA LYS A 24 1.99 2.52 -4.31
C LYS A 24 1.98 3.51 -3.17
N THR A 25 1.08 3.31 -2.19
CA THR A 25 0.99 4.23 -1.07
C THR A 25 2.11 3.92 -0.12
N CYS A 26 2.61 2.66 -0.17
CA CYS A 26 3.69 2.27 0.71
C CYS A 26 4.97 2.82 0.13
N GLY A 27 5.08 2.82 -1.22
CA GLY A 27 6.28 3.34 -1.84
C GLY A 27 7.17 2.17 -2.13
N LEU A 28 6.59 0.95 -2.18
CA LEU A 28 7.38 -0.23 -2.45
C LEU A 28 7.89 -0.11 -3.85
N CYS A 29 7.03 0.40 -4.76
CA CYS A 29 7.43 0.55 -6.14
C CYS A 29 6.75 1.81 -6.67
N CYS A 1 4.08 1.35 -10.75
CA CYS A 1 3.34 0.34 -9.94
C CYS A 1 2.22 1.00 -9.18
N GLU A 2 0.97 0.62 -9.49
CA GLU A 2 -0.15 1.21 -8.81
C GLU A 2 -0.60 0.23 -7.77
N ASN A 3 -1.49 0.69 -6.87
CA ASN A 3 -1.98 -0.19 -5.84
C ASN A 3 -3.05 -1.06 -6.47
N THR A 4 -3.35 -2.21 -5.83
CA THR A 4 -4.36 -3.10 -6.39
C THR A 4 -5.65 -2.88 -5.63
N ILE A 5 -5.59 -2.06 -4.56
CA ILE A 5 -6.79 -1.82 -3.79
C ILE A 5 -6.87 -0.33 -3.56
N SER A 6 -8.08 0.15 -3.18
CA SER A 6 -8.26 1.57 -2.94
C SER A 6 -8.37 1.75 -1.45
N GLY A 7 -8.56 3.02 -1.02
CA GLY A 7 -8.66 3.29 0.40
C GLY A 7 -7.30 3.09 0.99
N CYS A 8 -6.26 3.44 0.20
CA CYS A 8 -4.90 3.27 0.68
C CYS A 8 -4.62 4.40 1.63
N SER A 9 -3.76 4.12 2.63
CA SER A 9 -3.41 5.13 3.60
C SER A 9 -1.94 5.00 3.85
N ARG A 10 -1.32 6.06 4.40
CA ARG A 10 0.11 6.01 4.68
C ARG A 10 0.33 5.06 5.82
N ALA A 11 -0.74 4.78 6.59
CA ALA A 11 -0.61 3.87 7.71
C ALA A 11 -0.67 2.46 7.18
N ASP A 12 -1.02 2.31 5.88
CA ASP A 12 -1.09 0.99 5.30
C ASP A 12 0.32 0.58 4.94
N CYS A 13 1.26 1.56 4.95
CA CYS A 13 2.65 1.26 4.63
C CYS A 13 3.27 0.67 5.86
N LEU A 14 2.61 0.87 7.02
CA LEU A 14 3.13 0.35 8.26
C LEU A 14 2.63 -1.06 8.42
N LEU A 15 1.74 -1.49 7.51
CA LEU A 15 1.21 -2.83 7.58
C LEU A 15 1.90 -3.63 6.52
N THR A 16 2.29 -4.87 6.85
CA THR A 16 2.98 -5.70 5.90
C THR A 16 1.97 -6.62 5.27
N HIS A 17 0.71 -6.57 5.76
CA HIS A 17 -0.31 -7.44 5.21
C HIS A 17 -1.23 -6.59 4.38
N ARG A 18 -0.89 -5.29 4.22
CA ARG A 18 -1.73 -4.42 3.43
C ARG A 18 -0.84 -3.66 2.48
N LYS A 19 0.50 -3.73 2.69
CA LYS A 19 1.41 -3.02 1.82
C LYS A 19 1.40 -3.72 0.49
N GLN A 20 0.99 -5.00 0.47
CA GLN A 20 0.96 -5.74 -0.77
C GLN A 20 -0.14 -5.15 -1.61
N GLY A 21 -1.30 -4.83 -0.98
CA GLY A 21 -2.40 -4.26 -1.73
C GLY A 21 -2.06 -2.83 -2.03
N CYS A 22 -1.56 -2.10 -1.00
CA CYS A 22 -1.22 -0.70 -1.20
C CYS A 22 0.26 -0.61 -1.22
N GLN A 23 0.86 -0.85 -2.41
CA GLN A 23 2.30 -0.78 -2.51
C GLN A 23 2.66 0.58 -3.04
N LYS A 24 1.72 1.20 -3.79
CA LYS A 24 1.98 2.52 -4.34
C LYS A 24 1.99 3.52 -3.21
N THR A 25 1.09 3.32 -2.22
CA THR A 25 1.01 4.25 -1.11
C THR A 25 2.14 3.94 -0.16
N CYS A 26 2.64 2.69 -0.20
CA CYS A 26 3.71 2.31 0.68
C CYS A 26 4.99 2.86 0.09
N GLY A 27 5.10 2.84 -1.26
CA GLY A 27 6.29 3.34 -1.90
C GLY A 27 7.19 2.17 -2.17
N LEU A 28 6.59 0.95 -2.20
CA LEU A 28 7.40 -0.23 -2.46
C LEU A 28 7.90 -0.13 -3.87
N CYS A 29 7.03 0.37 -4.78
CA CYS A 29 7.43 0.50 -6.16
C CYS A 29 6.75 1.77 -6.70
N CYS A 1 4.32 1.27 -11.10
CA CYS A 1 3.38 0.35 -10.38
C CYS A 1 2.23 1.11 -9.81
N GLU A 2 1.25 0.39 -9.23
CA GLU A 2 0.11 1.05 -8.65
C GLU A 2 -0.44 0.12 -7.61
N ASN A 3 -1.36 0.64 -6.76
CA ASN A 3 -1.94 -0.19 -5.73
C ASN A 3 -3.01 -1.02 -6.39
N THR A 4 -3.32 -2.20 -5.80
CA THR A 4 -4.33 -3.06 -6.38
C THR A 4 -5.62 -2.85 -5.63
N ILE A 5 -5.58 -2.03 -4.55
CA ILE A 5 -6.77 -1.79 -3.78
C ILE A 5 -6.86 -0.31 -3.56
N SER A 6 -8.07 0.17 -3.18
CA SER A 6 -8.26 1.58 -2.94
C SER A 6 -8.35 1.78 -1.46
N GLY A 7 -8.54 3.05 -1.02
CA GLY A 7 -8.64 3.31 0.41
C GLY A 7 -7.28 3.12 0.99
N CYS A 8 -6.24 3.47 0.21
CA CYS A 8 -4.88 3.30 0.68
C CYS A 8 -4.60 4.43 1.63
N SER A 9 -3.73 4.15 2.63
CA SER A 9 -3.38 5.16 3.59
C SER A 9 -1.92 5.01 3.86
N ARG A 10 -1.29 6.07 4.40
CA ARG A 10 0.14 5.99 4.69
C ARG A 10 0.32 5.03 5.85
N ALA A 11 -0.76 4.77 6.60
CA ALA A 11 -0.67 3.87 7.74
C ALA A 11 -0.73 2.46 7.20
N ASP A 12 -1.05 2.31 5.90
CA ASP A 12 -1.13 0.99 5.32
C ASP A 12 0.28 0.57 4.97
N CYS A 13 1.22 1.54 4.97
CA CYS A 13 2.60 1.24 4.65
C CYS A 13 3.22 0.68 5.89
N LEU A 14 2.56 0.86 7.04
CA LEU A 14 3.09 0.37 8.28
C LEU A 14 2.59 -1.05 8.46
N LEU A 15 1.74 -1.51 7.52
CA LEU A 15 1.22 -2.85 7.61
C LEU A 15 1.89 -3.65 6.54
N THR A 16 2.29 -4.90 6.86
CA THR A 16 2.96 -5.72 5.89
C THR A 16 1.94 -6.63 5.27
N HIS A 17 0.69 -6.58 5.77
CA HIS A 17 -0.34 -7.44 5.24
C HIS A 17 -1.24 -6.58 4.38
N ARG A 18 -0.89 -5.28 4.23
CA ARG A 18 -1.71 -4.41 3.43
C ARG A 18 -0.81 -3.65 2.49
N LYS A 19 0.53 -3.76 2.69
CA LYS A 19 1.45 -3.06 1.83
C LYS A 19 1.43 -3.75 0.49
N GLN A 20 1.00 -5.03 0.47
CA GLN A 20 0.96 -5.75 -0.78
C GLN A 20 -0.16 -5.16 -1.61
N GLY A 21 -1.30 -4.84 -0.97
CA GLY A 21 -2.41 -4.27 -1.69
C GLY A 21 -2.07 -2.83 -1.98
N CYS A 22 -1.59 -2.11 -0.96
CA CYS A 22 -1.25 -0.71 -1.15
C CYS A 22 0.24 -0.62 -1.16
N GLN A 23 0.85 -0.87 -2.34
CA GLN A 23 2.28 -0.80 -2.44
C GLN A 23 2.63 0.55 -3.00
N LYS A 24 1.70 1.16 -3.74
CA LYS A 24 1.95 2.45 -4.32
C LYS A 24 1.97 3.47 -3.21
N THR A 25 1.10 3.30 -2.21
CA THR A 25 1.04 4.25 -1.12
C THR A 25 2.16 3.93 -0.16
N CYS A 26 2.66 2.68 -0.21
CA CYS A 26 3.73 2.29 0.68
C CYS A 26 5.01 2.86 0.11
N GLY A 27 5.12 2.88 -1.24
CA GLY A 27 6.32 3.40 -1.86
C GLY A 27 7.19 2.23 -2.23
N LEU A 28 6.61 1.02 -2.22
CA LEU A 28 7.38 -0.16 -2.56
C LEU A 28 7.77 -0.04 -4.00
N CYS A 29 6.84 0.47 -4.83
CA CYS A 29 7.13 0.62 -6.24
C CYS A 29 6.29 1.80 -6.74
N CYS A 1 4.06 1.48 -10.77
CA CYS A 1 3.34 0.46 -9.95
C CYS A 1 2.23 1.12 -9.18
N GLU A 2 0.98 0.72 -9.48
CA GLU A 2 -0.15 1.30 -8.79
C GLU A 2 -0.61 0.30 -7.79
N ASN A 3 -1.49 0.74 -6.86
CA ASN A 3 -1.99 -0.16 -5.85
C ASN A 3 -3.07 -0.99 -6.49
N THR A 4 -3.36 -2.17 -5.92
CA THR A 4 -4.38 -3.04 -6.48
C THR A 4 -5.65 -2.84 -5.70
N ILE A 5 -5.58 -2.02 -4.63
CA ILE A 5 -6.77 -1.79 -3.83
C ILE A 5 -6.86 -0.31 -3.59
N SER A 6 -8.05 0.15 -3.15
CA SER A 6 -8.24 1.56 -2.90
C SER A 6 -8.35 1.72 -1.40
N GLY A 7 -8.55 2.99 -0.94
CA GLY A 7 -8.67 3.23 0.48
C GLY A 7 -7.31 3.04 1.08
N CYS A 8 -6.27 3.38 0.29
CA CYS A 8 -4.91 3.22 0.78
C CYS A 8 -4.62 4.38 1.68
N SER A 9 -3.77 4.13 2.69
CA SER A 9 -3.42 5.18 3.62
C SER A 9 -1.93 5.06 3.85
N ARG A 10 -1.32 6.15 4.36
CA ARG A 10 0.11 6.13 4.60
C ARG A 10 0.36 5.20 5.76
N ALA A 11 -0.67 5.00 6.62
CA ALA A 11 -0.51 4.11 7.76
C ALA A 11 -0.58 2.69 7.25
N ASP A 12 -1.04 2.52 5.99
CA ASP A 12 -1.15 1.20 5.42
C ASP A 12 0.25 0.73 5.08
N CYS A 13 1.19 1.69 4.94
CA CYS A 13 2.57 1.33 4.61
C CYS A 13 3.18 0.72 5.85
N LEU A 14 2.54 0.95 7.01
CA LEU A 14 3.06 0.40 8.24
C LEU A 14 2.53 -1.00 8.38
N LEU A 15 1.67 -1.42 7.44
CA LEU A 15 1.12 -2.76 7.50
C LEU A 15 1.88 -3.58 6.50
N THR A 16 2.28 -4.80 6.91
CA THR A 16 3.03 -5.66 6.01
C THR A 16 2.07 -6.66 5.42
N HIS A 17 0.79 -6.61 5.84
CA HIS A 17 -0.17 -7.56 5.31
C HIS A 17 -1.13 -6.79 4.44
N ARG A 18 -0.84 -5.50 4.19
CA ARG A 18 -1.71 -4.70 3.36
C ARG A 18 -0.85 -3.92 2.39
N LYS A 19 0.48 -3.90 2.63
CA LYS A 19 1.37 -3.16 1.75
C LYS A 19 1.37 -3.86 0.41
N GLN A 20 0.97 -5.13 0.38
CA GLN A 20 0.95 -5.86 -0.87
C GLN A 20 -0.13 -5.24 -1.73
N GLY A 21 -1.27 -4.88 -1.11
CA GLY A 21 -2.34 -4.29 -1.87
C GLY A 21 -1.99 -2.84 -2.11
N CYS A 22 -1.57 -2.14 -1.04
CA CYS A 22 -1.22 -0.75 -1.18
C CYS A 22 0.28 -0.67 -1.22
N GLN A 23 0.85 -0.87 -2.41
CA GLN A 23 2.29 -0.82 -2.54
C GLN A 23 2.66 0.55 -3.06
N LYS A 24 1.72 1.20 -3.79
CA LYS A 24 1.99 2.51 -4.33
C LYS A 24 1.99 3.50 -3.18
N THR A 25 1.09 3.30 -2.21
CA THR A 25 1.00 4.22 -1.10
C THR A 25 2.12 3.90 -0.14
N CYS A 26 2.62 2.66 -0.19
CA CYS A 26 3.69 2.28 0.71
C CYS A 26 4.98 2.80 0.11
N GLY A 27 5.08 2.78 -1.24
CA GLY A 27 6.28 3.27 -1.89
C GLY A 27 7.17 2.09 -2.16
N LEU A 28 6.57 0.87 -2.19
CA LEU A 28 7.35 -0.32 -2.46
C LEU A 28 7.87 -0.22 -3.86
N CYS A 29 7.04 0.30 -4.77
CA CYS A 29 7.46 0.43 -6.15
C CYS A 29 6.86 1.73 -6.68
N CYS A 1 3.50 0.85 -11.88
CA CYS A 1 3.04 0.01 -10.73
C CYS A 1 2.22 0.83 -9.78
N GLU A 2 0.93 0.47 -9.62
CA GLU A 2 0.06 1.21 -8.74
C GLU A 2 -0.47 0.24 -7.73
N ASN A 3 -1.33 0.72 -6.82
CA ASN A 3 -1.90 -0.14 -5.82
C ASN A 3 -2.98 -0.95 -6.50
N THR A 4 -3.32 -2.13 -5.93
CA THR A 4 -4.33 -2.97 -6.53
C THR A 4 -5.61 -2.78 -5.75
N ILE A 5 -5.56 -1.97 -4.68
CA ILE A 5 -6.75 -1.74 -3.89
C ILE A 5 -6.84 -0.27 -3.64
N SER A 6 -8.04 0.20 -3.22
CA SER A 6 -8.23 1.61 -2.95
C SER A 6 -8.32 1.76 -1.46
N GLY A 7 -8.52 3.02 -0.99
CA GLY A 7 -8.63 3.26 0.43
C GLY A 7 -7.26 3.07 1.00
N CYS A 8 -6.23 3.45 0.22
CA CYS A 8 -4.87 3.30 0.69
C CYS A 8 -4.58 4.44 1.61
N SER A 9 -3.71 4.18 2.61
CA SER A 9 -3.36 5.21 3.56
C SER A 9 -1.90 5.05 3.84
N ARG A 10 -1.26 6.12 4.36
CA ARG A 10 0.16 6.05 4.65
C ARG A 10 0.34 5.11 5.82
N ALA A 11 -0.74 4.92 6.62
CA ALA A 11 -0.65 4.03 7.76
C ALA A 11 -0.75 2.61 7.25
N ASP A 12 -1.07 2.46 5.95
CA ASP A 12 -1.19 1.14 5.38
C ASP A 12 0.21 0.67 5.05
N CYS A 13 1.18 1.60 5.04
CA CYS A 13 2.56 1.24 4.74
C CYS A 13 3.16 0.66 5.99
N LEU A 14 2.48 0.87 7.12
CA LEU A 14 2.99 0.37 8.37
C LEU A 14 2.50 -1.06 8.52
N LEU A 15 1.66 -1.51 7.56
CA LEU A 15 1.15 -2.86 7.63
C LEU A 15 1.89 -3.65 6.57
N THR A 16 2.32 -4.88 6.93
CA THR A 16 3.04 -5.69 6.00
C THR A 16 2.08 -6.66 5.38
N HIS A 17 0.81 -6.64 5.83
CA HIS A 17 -0.17 -7.55 5.29
C HIS A 17 -1.11 -6.75 4.43
N ARG A 18 -0.80 -5.46 4.23
CA ARG A 18 -1.67 -4.62 3.41
C ARG A 18 -0.79 -3.83 2.47
N LYS A 19 0.54 -3.89 2.68
CA LYS A 19 1.45 -3.15 1.82
C LYS A 19 1.43 -3.81 0.47
N GLN A 20 1.01 -5.09 0.42
CA GLN A 20 0.98 -5.79 -0.84
C GLN A 20 -0.13 -5.18 -1.67
N GLY A 21 -1.27 -4.85 -1.01
CA GLY A 21 -2.39 -4.27 -1.74
C GLY A 21 -2.03 -2.83 -2.03
N CYS A 22 -1.57 -2.10 -0.99
CA CYS A 22 -1.22 -0.71 -1.19
C CYS A 22 0.27 -0.63 -1.18
N GLN A 23 0.89 -0.86 -2.36
CA GLN A 23 2.32 -0.83 -2.45
C GLN A 23 2.71 0.55 -2.95
N LYS A 24 1.79 1.19 -3.70
CA LYS A 24 2.07 2.50 -4.25
C LYS A 24 2.06 3.49 -3.11
N THR A 25 1.16 3.29 -2.13
CA THR A 25 1.07 4.23 -1.02
C THR A 25 2.17 3.88 -0.05
N CYS A 26 2.68 2.65 -0.11
CA CYS A 26 3.73 2.24 0.79
C CYS A 26 5.03 2.81 0.25
N GLY A 27 5.16 2.86 -1.10
CA GLY A 27 6.36 3.39 -1.70
C GLY A 27 7.21 2.22 -2.13
N LEU A 28 6.63 1.01 -2.11
CA LEU A 28 7.37 -0.17 -2.51
C LEU A 28 7.72 -0.01 -3.97
N CYS A 29 6.76 0.53 -4.75
CA CYS A 29 7.00 0.70 -6.16
C CYS A 29 6.27 1.98 -6.58
N CYS A 1 3.50 0.83 -11.85
CA CYS A 1 3.04 0.00 -10.69
C CYS A 1 2.20 0.82 -9.75
N GLU A 2 0.92 0.43 -9.59
CA GLU A 2 0.05 1.16 -8.71
C GLU A 2 -0.47 0.19 -7.70
N ASN A 3 -1.34 0.68 -6.79
CA ASN A 3 -1.90 -0.18 -5.78
C ASN A 3 -2.98 -1.00 -6.46
N THR A 4 -3.31 -2.17 -5.87
CA THR A 4 -4.33 -3.02 -6.47
C THR A 4 -5.60 -2.82 -5.70
N ILE A 5 -5.56 -1.98 -4.64
CA ILE A 5 -6.75 -1.75 -3.86
C ILE A 5 -6.85 -0.27 -3.63
N SER A 6 -8.05 0.20 -3.22
CA SER A 6 -8.24 1.62 -2.98
C SER A 6 -8.36 1.80 -1.49
N GLY A 7 -8.54 3.06 -1.04
CA GLY A 7 -8.66 3.32 0.37
C GLY A 7 -7.32 3.11 0.98
N CYS A 8 -6.25 3.42 0.22
CA CYS A 8 -4.92 3.24 0.72
C CYS A 8 -4.60 4.38 1.63
N SER A 9 -3.77 4.12 2.66
CA SER A 9 -3.40 5.14 3.59
C SER A 9 -1.92 4.98 3.84
N ARG A 10 -1.27 6.05 4.34
CA ARG A 10 0.15 5.97 4.60
C ARG A 10 0.34 5.07 5.80
N ALA A 11 -0.73 4.84 6.58
CA ALA A 11 -0.64 3.99 7.75
C ALA A 11 -0.70 2.56 7.27
N ASP A 12 -1.05 2.36 5.98
CA ASP A 12 -1.14 1.02 5.45
C ASP A 12 0.26 0.58 5.10
N CYS A 13 1.21 1.56 5.07
CA CYS A 13 2.59 1.23 4.73
C CYS A 13 3.21 0.65 5.97
N LEU A 14 2.56 0.85 7.13
CA LEU A 14 3.09 0.35 8.37
C LEU A 14 2.60 -1.07 8.51
N LEU A 15 1.72 -1.52 7.59
CA LEU A 15 1.21 -2.86 7.65
C LEU A 15 1.87 -3.63 6.55
N THR A 16 2.30 -4.87 6.85
CA THR A 16 2.95 -5.67 5.84
C THR A 16 1.93 -6.59 5.23
N HIS A 17 0.70 -6.57 5.78
CA HIS A 17 -0.33 -7.43 5.25
C HIS A 17 -1.24 -6.59 4.39
N ARG A 18 -0.88 -5.29 4.22
CA ARG A 18 -1.70 -4.42 3.40
C ARG A 18 -0.78 -3.68 2.45
N LYS A 19 0.55 -3.79 2.66
CA LYS A 19 1.48 -3.11 1.78
C LYS A 19 1.47 -3.80 0.45
N GLN A 20 1.03 -5.08 0.43
CA GLN A 20 0.97 -5.81 -0.81
C GLN A 20 -0.11 -5.20 -1.66
N GLY A 21 -1.26 -4.85 -1.03
CA GLY A 21 -2.35 -4.26 -1.77
C GLY A 21 -2.00 -2.82 -2.03
N CYS A 22 -1.53 -2.12 -0.99
CA CYS A 22 -1.18 -0.72 -1.16
C CYS A 22 0.31 -0.65 -1.17
N GLN A 23 0.92 -0.88 -2.35
CA GLN A 23 2.35 -0.84 -2.45
C GLN A 23 2.74 0.53 -2.96
N LYS A 24 1.82 1.18 -3.71
CA LYS A 24 2.11 2.49 -4.25
C LYS A 24 2.08 3.47 -3.11
N THR A 25 1.15 3.28 -2.15
CA THR A 25 1.04 4.20 -1.04
C THR A 25 2.14 3.88 -0.06
N CYS A 26 2.66 2.65 -0.13
CA CYS A 26 3.73 2.27 0.78
C CYS A 26 5.01 2.84 0.23
N GLY A 27 5.14 2.89 -1.11
CA GLY A 27 6.34 3.43 -1.71
C GLY A 27 7.20 2.28 -2.11
N LEU A 28 6.63 1.05 -2.11
CA LEU A 28 7.38 -0.11 -2.49
C LEU A 28 7.74 0.04 -3.94
N CYS A 29 6.78 0.56 -4.75
CA CYS A 29 7.04 0.74 -6.15
C CYS A 29 6.32 2.02 -6.58
N CYS A 1 4.24 1.52 -11.06
CA CYS A 1 3.35 0.55 -10.35
C CYS A 1 2.18 1.28 -9.75
N GLU A 2 1.21 0.52 -9.21
CA GLU A 2 0.06 1.15 -8.62
C GLU A 2 -0.48 0.19 -7.60
N ASN A 3 -1.41 0.67 -6.74
CA ASN A 3 -1.98 -0.19 -5.73
C ASN A 3 -3.05 -1.02 -6.41
N THR A 4 -3.37 -2.19 -5.82
CA THR A 4 -4.38 -3.04 -6.41
C THR A 4 -5.67 -2.85 -5.64
N ILE A 5 -5.63 -2.03 -4.58
CA ILE A 5 -6.83 -1.80 -3.80
C ILE A 5 -6.94 -0.32 -3.57
N SER A 6 -8.15 0.13 -3.16
CA SER A 6 -8.35 1.55 -2.93
C SER A 6 -8.43 1.73 -1.43
N GLY A 7 -8.61 3.01 -0.99
CA GLY A 7 -8.69 3.28 0.43
C GLY A 7 -7.33 3.07 1.00
N CYS A 8 -6.29 3.41 0.20
CA CYS A 8 -4.94 3.24 0.66
C CYS A 8 -4.60 4.41 1.53
N SER A 9 -3.73 4.16 2.53
CA SER A 9 -3.34 5.22 3.43
C SER A 9 -1.87 5.03 3.70
N ARG A 10 -1.21 6.10 4.17
CA ARG A 10 0.22 6.00 4.46
C ARG A 10 0.38 5.11 5.67
N ALA A 11 -0.71 4.93 6.44
CA ALA A 11 -0.64 4.08 7.62
C ALA A 11 -0.73 2.65 7.17
N ASP A 12 -1.05 2.44 5.87
CA ASP A 12 -1.17 1.08 5.37
C ASP A 12 0.23 0.62 5.01
N CYS A 13 1.20 1.57 5.00
CA CYS A 13 2.57 1.21 4.68
C CYS A 13 3.19 0.65 5.93
N LEU A 14 2.51 0.86 7.07
CA LEU A 14 3.03 0.36 8.32
C LEU A 14 2.53 -1.06 8.50
N LEU A 15 1.70 -1.53 7.55
CA LEU A 15 1.18 -2.88 7.66
C LEU A 15 1.88 -3.69 6.60
N THR A 16 2.28 -4.93 6.97
CA THR A 16 2.97 -5.79 6.03
C THR A 16 1.95 -6.65 5.34
N HIS A 17 0.72 -6.70 5.87
CA HIS A 17 -0.31 -7.53 5.26
C HIS A 17 -1.19 -6.64 4.42
N ARG A 18 -0.80 -5.35 4.26
CA ARG A 18 -1.61 -4.46 3.46
C ARG A 18 -0.70 -3.72 2.51
N LYS A 19 0.64 -3.89 2.69
CA LYS A 19 1.56 -3.21 1.81
C LYS A 19 1.47 -3.84 0.45
N GLN A 20 1.03 -5.12 0.40
CA GLN A 20 0.92 -5.80 -0.87
C GLN A 20 -0.23 -5.17 -1.63
N GLY A 21 -1.34 -4.88 -0.93
CA GLY A 21 -2.49 -4.27 -1.59
C GLY A 21 -2.14 -2.85 -1.92
N CYS A 22 -1.56 -2.13 -0.93
CA CYS A 22 -1.20 -0.75 -1.16
C CYS A 22 0.29 -0.68 -1.19
N GLN A 23 0.87 -0.85 -2.38
CA GLN A 23 2.31 -0.81 -2.50
C GLN A 23 2.69 0.56 -3.01
N LYS A 24 1.76 1.20 -3.76
CA LYS A 24 2.04 2.51 -4.30
C LYS A 24 2.04 3.51 -3.16
N THR A 25 1.13 3.30 -2.18
CA THR A 25 1.05 4.23 -1.07
C THR A 25 2.15 3.88 -0.11
N CYS A 26 2.67 2.64 -0.19
CA CYS A 26 3.72 2.24 0.71
C CYS A 26 5.02 2.80 0.17
N GLY A 27 5.16 2.82 -1.18
CA GLY A 27 6.37 3.34 -1.78
C GLY A 27 7.23 2.18 -2.17
N LEU A 28 6.63 0.97 -2.19
CA LEU A 28 7.38 -0.21 -2.56
C LEU A 28 7.80 -0.04 -4.00
N CYS A 29 6.87 0.51 -4.82
CA CYS A 29 7.18 0.70 -6.22
C CYS A 29 6.36 1.90 -6.70
N CYS A 1 3.47 0.69 -12.10
CA CYS A 1 2.95 -0.05 -10.91
C CYS A 1 2.04 0.84 -10.10
N GLU A 2 1.05 0.23 -9.41
CA GLU A 2 0.14 1.01 -8.62
C GLU A 2 -0.46 0.08 -7.61
N ASN A 3 -1.28 0.64 -6.68
CA ASN A 3 -1.89 -0.20 -5.67
C ASN A 3 -2.98 -0.99 -6.36
N THR A 4 -3.29 -2.18 -5.83
CA THR A 4 -4.32 -3.01 -6.43
C THR A 4 -5.60 -2.80 -5.66
N ILE A 5 -5.55 -1.98 -4.60
CA ILE A 5 -6.74 -1.73 -3.81
C ILE A 5 -6.83 -0.25 -3.60
N SER A 6 -8.04 0.22 -3.21
CA SER A 6 -8.23 1.63 -2.97
C SER A 6 -8.36 1.82 -1.49
N GLY A 7 -8.53 3.10 -1.05
CA GLY A 7 -8.66 3.37 0.37
C GLY A 7 -7.31 3.15 0.97
N CYS A 8 -6.25 3.46 0.20
CA CYS A 8 -4.91 3.27 0.70
C CYS A 8 -4.61 4.40 1.62
N SER A 9 -3.76 4.14 2.63
CA SER A 9 -3.40 5.16 3.57
C SER A 9 -1.93 5.01 3.83
N ARG A 10 -1.28 6.07 4.35
CA ARG A 10 0.13 6.00 4.62
C ARG A 10 0.33 5.08 5.79
N ALA A 11 -0.76 4.83 6.56
CA ALA A 11 -0.66 3.96 7.71
C ALA A 11 -0.74 2.53 7.19
N ASP A 12 -1.07 2.37 5.90
CA ASP A 12 -1.16 1.03 5.34
C ASP A 12 0.24 0.59 5.01
N CYS A 13 1.19 1.54 5.02
CA CYS A 13 2.58 1.21 4.72
C CYS A 13 3.18 0.66 5.97
N LEU A 14 2.48 0.84 7.11
CA LEU A 14 2.99 0.35 8.36
C LEU A 14 2.49 -1.07 8.53
N LEU A 15 1.67 -1.54 7.57
CA LEU A 15 1.16 -2.90 7.65
C LEU A 15 1.87 -3.70 6.60
N THR A 16 2.23 -4.95 6.95
CA THR A 16 2.93 -5.80 6.00
C THR A 16 1.91 -6.66 5.31
N HIS A 17 0.67 -6.68 5.83
CA HIS A 17 -0.37 -7.51 5.22
C HIS A 17 -1.22 -6.61 4.37
N ARG A 18 -0.83 -5.33 4.21
CA ARG A 18 -1.63 -4.44 3.41
C ARG A 18 -0.69 -3.70 2.48
N LYS A 19 0.63 -3.89 2.65
CA LYS A 19 1.58 -3.20 1.79
C LYS A 19 1.50 -3.85 0.42
N GLN A 20 1.05 -5.11 0.37
CA GLN A 20 0.95 -5.80 -0.90
C GLN A 20 -0.18 -5.16 -1.68
N GLY A 21 -1.30 -4.85 -0.98
CA GLY A 21 -2.43 -4.24 -1.66
C GLY A 21 -2.06 -2.81 -1.95
N CYS A 22 -1.52 -2.10 -0.93
CA CYS A 22 -1.16 -0.72 -1.12
C CYS A 22 0.33 -0.66 -1.13
N GLN A 23 0.93 -0.84 -2.31
CA GLN A 23 2.36 -0.80 -2.41
C GLN A 23 2.75 0.57 -2.94
N LYS A 24 1.83 1.19 -3.70
CA LYS A 24 2.11 2.50 -4.26
C LYS A 24 2.10 3.50 -3.13
N THR A 25 1.19 3.32 -2.16
CA THR A 25 1.10 4.25 -1.04
C THR A 25 2.19 3.91 -0.07
N CYS A 26 2.71 2.68 -0.15
CA CYS A 26 3.76 2.28 0.77
C CYS A 26 5.05 2.87 0.24
N GLY A 27 5.18 2.95 -1.11
CA GLY A 27 6.39 3.50 -1.69
C GLY A 27 7.24 2.35 -2.13
N LEU A 28 6.67 1.14 -2.13
CA LEU A 28 7.42 -0.03 -2.54
C LEU A 28 7.75 0.14 -3.99
N CYS A 29 6.78 0.67 -4.77
CA CYS A 29 6.99 0.87 -6.17
C CYS A 29 6.26 2.15 -6.58
N CYS A 1 4.27 1.43 -11.09
CA CYS A 1 3.38 0.49 -10.35
C CYS A 1 2.21 1.23 -9.76
N GLU A 2 1.23 0.49 -9.21
CA GLU A 2 0.09 1.12 -8.62
C GLU A 2 -0.46 0.18 -7.61
N ASN A 3 -1.39 0.67 -6.76
CA ASN A 3 -1.97 -0.18 -5.75
C ASN A 3 -3.04 -0.99 -6.43
N THR A 4 -3.37 -2.18 -5.86
CA THR A 4 -4.39 -3.03 -6.46
C THR A 4 -5.67 -2.83 -5.68
N ILE A 5 -5.62 -2.02 -4.61
CA ILE A 5 -6.80 -1.79 -3.82
C ILE A 5 -6.90 -0.31 -3.58
N SER A 6 -8.10 0.14 -3.15
CA SER A 6 -8.29 1.56 -2.89
C SER A 6 -8.37 1.73 -1.40
N GLY A 7 -8.58 2.99 -0.95
CA GLY A 7 -8.65 3.24 0.47
C GLY A 7 -7.28 3.06 1.03
N CYS A 8 -6.26 3.42 0.23
CA CYS A 8 -4.89 3.28 0.68
C CYS A 8 -4.59 4.42 1.59
N SER A 9 -3.71 4.18 2.59
CA SER A 9 -3.36 5.22 3.52
C SER A 9 -1.88 5.07 3.77
N ARG A 10 -1.24 6.14 4.27
CA ARG A 10 0.18 6.08 4.55
C ARG A 10 0.39 5.15 5.71
N ALA A 11 -0.67 4.96 6.54
CA ALA A 11 -0.56 4.09 7.68
C ALA A 11 -0.68 2.66 7.18
N ASP A 12 -1.04 2.50 5.89
CA ASP A 12 -1.17 1.17 5.33
C ASP A 12 0.22 0.69 4.99
N CYS A 13 1.19 1.63 4.96
CA CYS A 13 2.56 1.25 4.64
C CYS A 13 3.17 0.66 5.88
N LEU A 14 2.52 0.90 7.03
CA LEU A 14 3.03 0.38 8.28
C LEU A 14 2.51 -1.03 8.43
N LEU A 15 1.64 -1.46 7.48
CA LEU A 15 1.10 -2.79 7.56
C LEU A 15 1.86 -3.63 6.57
N THR A 16 2.19 -4.88 6.96
CA THR A 16 2.95 -5.75 6.07
C THR A 16 1.97 -6.65 5.35
N HIS A 17 0.74 -6.78 5.89
CA HIS A 17 -0.23 -7.65 5.26
C HIS A 17 -1.15 -6.80 4.41
N ARG A 18 -0.80 -5.51 4.25
CA ARG A 18 -1.64 -4.64 3.44
C ARG A 18 -0.74 -3.85 2.51
N LYS A 19 0.59 -3.98 2.69
CA LYS A 19 1.51 -3.25 1.83
C LYS A 19 1.45 -3.86 0.46
N GLN A 20 1.02 -5.14 0.39
CA GLN A 20 0.93 -5.81 -0.89
C GLN A 20 -0.22 -5.18 -1.66
N GLY A 21 -1.33 -4.89 -0.94
CA GLY A 21 -2.48 -4.30 -1.60
C GLY A 21 -2.13 -2.86 -1.93
N CYS A 22 -1.58 -2.14 -0.94
CA CYS A 22 -1.23 -0.75 -1.18
C CYS A 22 0.26 -0.67 -1.18
N GLN A 23 0.85 -0.84 -2.38
CA GLN A 23 2.29 -0.79 -2.49
C GLN A 23 2.65 0.58 -3.01
N LYS A 24 1.72 1.20 -3.75
CA LYS A 24 1.99 2.52 -4.31
C LYS A 24 2.01 3.51 -3.17
N THR A 25 1.10 3.32 -2.19
CA THR A 25 1.03 4.25 -1.07
C THR A 25 2.14 3.90 -0.12
N CYS A 26 2.65 2.66 -0.20
CA CYS A 26 3.71 2.26 0.70
C CYS A 26 5.00 2.83 0.14
N GLY A 27 5.13 2.84 -1.21
CA GLY A 27 6.34 3.37 -1.82
C GLY A 27 7.21 2.20 -2.18
N LEU A 28 6.62 0.98 -2.20
CA LEU A 28 7.39 -0.20 -2.54
C LEU A 28 7.81 -0.06 -3.98
N CYS A 29 6.89 0.47 -4.82
CA CYS A 29 7.22 0.64 -6.21
C CYS A 29 6.43 1.86 -6.70
N CYS A 1 4.08 1.37 -10.75
CA CYS A 1 3.35 0.36 -9.94
C CYS A 1 2.24 1.03 -9.17
N GLU A 2 0.99 0.65 -9.48
CA GLU A 2 -0.14 1.23 -8.80
C GLU A 2 -0.59 0.25 -7.76
N ASN A 3 -1.48 0.70 -6.87
CA ASN A 3 -1.98 -0.17 -5.85
C ASN A 3 -3.05 -1.03 -6.48
N THR A 4 -3.37 -2.19 -5.86
CA THR A 4 -4.36 -3.07 -6.42
C THR A 4 -5.66 -2.86 -5.65
N ILE A 5 -5.60 -2.03 -4.59
CA ILE A 5 -6.80 -1.79 -3.82
C ILE A 5 -6.89 -0.30 -3.59
N SER A 6 -8.10 0.17 -3.19
CA SER A 6 -8.28 1.58 -2.96
C SER A 6 -8.39 1.76 -1.47
N GLY A 7 -8.57 3.03 -1.02
CA GLY A 7 -8.67 3.30 0.40
C GLY A 7 -7.31 3.09 0.99
N CYS A 8 -6.27 3.45 0.21
CA CYS A 8 -4.91 3.28 0.68
C CYS A 8 -4.63 4.40 1.63
N SER A 9 -3.77 4.12 2.64
CA SER A 9 -3.43 5.13 3.60
C SER A 9 -1.95 4.99 3.85
N ARG A 10 -1.34 6.06 4.40
CA ARG A 10 0.10 6.01 4.66
C ARG A 10 0.32 5.06 5.82
N ALA A 11 -0.76 4.77 6.59
CA ALA A 11 -0.63 3.87 7.72
C ALA A 11 -0.67 2.46 7.18
N ASP A 12 -1.02 2.31 5.89
CA ASP A 12 -1.09 0.99 5.30
C ASP A 12 0.33 0.58 4.96
N CYS A 13 1.26 1.58 4.95
CA CYS A 13 2.65 1.28 4.64
C CYS A 13 3.27 0.72 5.88
N LEU A 14 2.61 0.91 7.03
CA LEU A 14 3.14 0.42 8.27
C LEU A 14 2.64 -0.99 8.46
N LEU A 15 1.81 -1.48 7.50
CA LEU A 15 1.29 -2.82 7.59
C LEU A 15 2.03 -3.64 6.57
N THR A 16 2.32 -4.92 6.91
CA THR A 16 3.03 -5.76 5.99
C THR A 16 2.04 -6.71 5.37
N HIS A 17 0.75 -6.56 5.71
CA HIS A 17 -0.24 -7.45 5.15
C HIS A 17 -1.17 -6.61 4.31
N ARG A 18 -0.91 -5.29 4.24
CA ARG A 18 -1.75 -4.44 3.44
C ARG A 18 -0.87 -3.67 2.49
N LYS A 19 0.47 -3.74 2.69
CA LYS A 19 1.38 -3.03 1.83
C LYS A 19 1.37 -3.72 0.50
N GLN A 20 0.97 -5.01 0.48
CA GLN A 20 0.94 -5.75 -0.76
C GLN A 20 -0.17 -5.15 -1.61
N GLY A 21 -1.32 -4.83 -0.98
CA GLY A 21 -2.42 -4.26 -1.72
C GLY A 21 -2.08 -2.83 -2.02
N CYS A 22 -1.58 -2.10 -1.01
CA CYS A 22 -1.23 -0.71 -1.22
C CYS A 22 0.25 -0.63 -1.23
N GLN A 23 0.85 -0.85 -2.42
CA GLN A 23 2.29 -0.80 -2.53
C GLN A 23 2.65 0.57 -3.05
N LYS A 24 1.72 1.21 -3.79
CA LYS A 24 1.99 2.52 -4.34
C LYS A 24 1.99 3.51 -3.21
N THR A 25 1.08 3.31 -2.23
CA THR A 25 1.00 4.24 -1.12
C THR A 25 2.12 3.94 -0.17
N CYS A 26 2.63 2.69 -0.21
CA CYS A 26 3.70 2.31 0.67
C CYS A 26 4.98 2.84 0.08
N GLY A 27 5.09 2.82 -1.27
CA GLY A 27 6.29 3.31 -1.91
C GLY A 27 7.18 2.15 -2.18
N LEU A 28 6.60 0.93 -2.20
CA LEU A 28 7.39 -0.26 -2.45
C LEU A 28 7.90 -0.16 -3.86
N CYS A 29 7.04 0.34 -4.78
CA CYS A 29 7.45 0.47 -6.15
C CYS A 29 6.82 1.75 -6.69
N CYS A 1 3.51 0.86 -11.85
CA CYS A 1 3.04 0.02 -10.71
C CYS A 1 2.20 0.84 -9.77
N GLU A 2 0.91 0.47 -9.63
CA GLU A 2 0.05 1.21 -8.75
C GLU A 2 -0.48 0.23 -7.75
N ASN A 3 -1.34 0.73 -6.84
CA ASN A 3 -1.89 -0.14 -5.83
C ASN A 3 -2.97 -0.96 -6.51
N THR A 4 -3.31 -2.14 -5.93
CA THR A 4 -4.33 -2.98 -6.53
C THR A 4 -5.61 -2.78 -5.75
N ILE A 5 -5.55 -1.98 -4.67
CA ILE A 5 -6.74 -1.75 -3.88
C ILE A 5 -6.83 -0.27 -3.63
N SER A 6 -8.02 0.20 -3.21
CA SER A 6 -8.20 1.60 -2.94
C SER A 6 -8.30 1.76 -1.46
N GLY A 7 -8.51 3.02 -0.98
CA GLY A 7 -8.60 3.25 0.44
C GLY A 7 -7.24 3.07 1.02
N CYS A 8 -6.21 3.43 0.23
CA CYS A 8 -4.85 3.29 0.69
C CYS A 8 -4.57 4.43 1.62
N SER A 9 -3.70 4.17 2.63
CA SER A 9 -3.35 5.19 3.57
C SER A 9 -1.88 5.04 3.85
N ARG A 10 -1.26 6.10 4.40
CA ARG A 10 0.16 6.04 4.70
C ARG A 10 0.35 5.07 5.83
N ALA A 11 -0.68 4.94 6.70
CA ALA A 11 -0.58 4.04 7.82
C ALA A 11 -0.69 2.62 7.29
N ASP A 12 -1.11 2.49 6.02
CA ASP A 12 -1.24 1.17 5.43
C ASP A 12 0.15 0.70 5.06
N CYS A 13 1.12 1.65 5.05
CA CYS A 13 2.49 1.29 4.72
C CYS A 13 3.12 0.72 5.95
N LEU A 14 2.45 0.89 7.11
CA LEU A 14 2.98 0.38 8.34
C LEU A 14 2.51 -1.04 8.49
N LEU A 15 1.65 -1.50 7.54
CA LEU A 15 1.16 -2.86 7.60
C LEU A 15 1.88 -3.63 6.55
N THR A 16 2.32 -4.86 6.90
CA THR A 16 3.05 -5.67 5.96
C THR A 16 2.07 -6.65 5.35
N HIS A 17 0.82 -6.64 5.82
CA HIS A 17 -0.17 -7.55 5.29
C HIS A 17 -1.12 -6.76 4.44
N ARG A 18 -0.82 -5.46 4.22
CA ARG A 18 -1.69 -4.64 3.41
C ARG A 18 -0.82 -3.85 2.45
N LYS A 19 0.52 -3.88 2.67
CA LYS A 19 1.42 -3.15 1.80
C LYS A 19 1.40 -3.84 0.45
N GLN A 20 0.99 -5.12 0.43
CA GLN A 20 0.95 -5.85 -0.83
C GLN A 20 -0.13 -5.22 -1.68
N GLY A 21 -1.27 -4.87 -1.05
CA GLY A 21 -2.37 -4.27 -1.80
C GLY A 21 -2.00 -2.84 -2.07
N CYS A 22 -1.58 -2.11 -1.00
CA CYS A 22 -1.22 -0.72 -1.18
C CYS A 22 0.27 -0.65 -1.17
N GLN A 23 0.88 -0.86 -2.34
CA GLN A 23 2.32 -0.83 -2.43
C GLN A 23 2.71 0.53 -2.95
N LYS A 24 1.80 1.18 -3.72
CA LYS A 24 2.09 2.48 -4.26
C LYS A 24 2.08 3.49 -3.13
N THR A 25 1.16 3.30 -2.17
CA THR A 25 1.06 4.23 -1.07
C THR A 25 2.16 3.91 -0.08
N CYS A 26 2.67 2.66 -0.15
CA CYS A 26 3.72 2.28 0.76
C CYS A 26 5.02 2.83 0.23
N GLY A 27 5.15 2.88 -1.12
CA GLY A 27 6.36 3.40 -1.72
C GLY A 27 7.21 2.24 -2.12
N LEU A 28 6.62 1.02 -2.10
CA LEU A 28 7.37 -0.15 -2.48
C LEU A 28 7.73 -0.01 -3.94
N CYS A 29 6.77 0.51 -4.73
CA CYS A 29 7.03 0.68 -6.15
C CYS A 29 6.34 1.98 -6.57
N CYS A 1 4.04 1.44 -10.73
CA CYS A 1 3.31 0.43 -9.91
C CYS A 1 2.20 1.08 -9.14
N GLU A 2 0.94 0.71 -9.44
CA GLU A 2 -0.17 1.30 -8.75
C GLU A 2 -0.62 0.30 -7.73
N ASN A 3 -1.50 0.75 -6.82
CA ASN A 3 -1.99 -0.14 -5.80
C ASN A 3 -3.05 -1.01 -6.44
N THR A 4 -3.36 -2.16 -5.81
CA THR A 4 -4.36 -3.05 -6.38
C THR A 4 -5.65 -2.85 -5.61
N ILE A 5 -5.62 -2.01 -4.56
CA ILE A 5 -6.82 -1.78 -3.79
C ILE A 5 -6.95 -0.30 -3.59
N SER A 6 -8.17 0.14 -3.18
CA SER A 6 -8.40 1.55 -2.96
C SER A 6 -8.50 1.75 -1.48
N GLY A 7 -8.56 3.04 -1.04
CA GLY A 7 -8.66 3.32 0.37
C GLY A 7 -7.30 3.11 0.96
N CYS A 8 -6.26 3.46 0.18
CA CYS A 8 -4.91 3.28 0.66
C CYS A 8 -4.61 4.42 1.58
N SER A 9 -3.75 4.16 2.59
CA SER A 9 -3.40 5.19 3.53
C SER A 9 -1.91 5.04 3.78
N ARG A 10 -1.28 6.12 4.28
CA ARG A 10 0.14 6.07 4.55
C ARG A 10 0.36 5.13 5.71
N ALA A 11 -0.70 4.95 6.54
CA ALA A 11 -0.57 4.06 7.69
C ALA A 11 -0.67 2.64 7.19
N ASP A 12 -1.03 2.48 5.90
CA ASP A 12 -1.16 1.14 5.34
C ASP A 12 0.24 0.66 5.04
N CYS A 13 1.20 1.61 4.95
CA CYS A 13 2.58 1.24 4.65
C CYS A 13 3.17 0.65 5.90
N LEU A 14 2.53 0.91 7.06
CA LEU A 14 3.02 0.40 8.31
C LEU A 14 2.54 -1.03 8.43
N LEU A 15 1.62 -1.45 7.52
CA LEU A 15 1.12 -2.80 7.57
C LEU A 15 1.84 -3.57 6.50
N THR A 16 2.35 -4.77 6.85
CA THR A 16 3.06 -5.56 5.88
C THR A 16 2.08 -6.55 5.28
N HIS A 17 0.86 -6.60 5.82
CA HIS A 17 -0.12 -7.53 5.30
C HIS A 17 -1.06 -6.74 4.42
N ARG A 18 -0.76 -5.44 4.22
CA ARG A 18 -1.61 -4.63 3.38
C ARG A 18 -0.73 -3.86 2.43
N LYS A 19 0.60 -3.99 2.61
CA LYS A 19 1.52 -3.28 1.74
C LYS A 19 1.44 -3.91 0.37
N GLN A 20 0.99 -5.18 0.31
CA GLN A 20 0.89 -5.86 -0.96
C GLN A 20 -0.24 -5.21 -1.72
N GLY A 21 -1.35 -4.89 -1.03
CA GLY A 21 -2.48 -4.28 -1.70
C GLY A 21 -2.11 -2.85 -2.00
N CYS A 22 -1.59 -2.13 -0.99
CA CYS A 22 -1.22 -0.75 -1.19
C CYS A 22 0.26 -0.69 -1.21
N GLN A 23 0.86 -0.86 -2.39
CA GLN A 23 2.29 -0.83 -2.49
C GLN A 23 2.67 0.54 -3.01
N LYS A 24 1.75 1.19 -3.75
CA LYS A 24 2.03 2.51 -4.29
C LYS A 24 2.03 3.49 -3.15
N THR A 25 1.13 3.29 -2.17
CA THR A 25 1.05 4.21 -1.05
C THR A 25 2.16 3.87 -0.09
N CYS A 26 2.66 2.63 -0.17
CA CYS A 26 3.72 2.22 0.73
C CYS A 26 5.02 2.76 0.16
N GLY A 27 5.12 2.80 -1.20
CA GLY A 27 6.32 3.31 -1.82
C GLY A 27 7.20 2.13 -2.13
N LEU A 28 6.61 0.92 -2.18
CA LEU A 28 7.39 -0.27 -2.47
C LEU A 28 7.89 -0.14 -3.88
N CYS A 29 7.03 0.38 -4.77
CA CYS A 29 7.43 0.54 -6.15
C CYS A 29 6.74 1.80 -6.67
N CYS A 1 3.50 0.80 -12.08
CA CYS A 1 2.95 0.04 -10.91
C CYS A 1 2.06 0.93 -10.08
N GLU A 2 1.06 0.33 -9.42
CA GLU A 2 0.16 1.11 -8.61
C GLU A 2 -0.46 0.17 -7.62
N ASN A 3 -1.27 0.71 -6.69
CA ASN A 3 -1.91 -0.13 -5.69
C ASN A 3 -3.01 -0.89 -6.41
N THR A 4 -3.31 -2.12 -5.92
CA THR A 4 -4.33 -2.92 -6.55
C THR A 4 -5.63 -2.73 -5.79
N ILE A 5 -5.58 -1.94 -4.70
CA ILE A 5 -6.77 -1.71 -3.91
C ILE A 5 -6.89 -0.23 -3.70
N SER A 6 -8.10 0.21 -3.29
CA SER A 6 -8.32 1.62 -3.05
C SER A 6 -8.46 1.80 -1.56
N GLY A 7 -8.54 3.08 -1.11
CA GLY A 7 -8.67 3.34 0.31
C GLY A 7 -7.32 3.10 0.91
N CYS A 8 -6.25 3.45 0.17
CA CYS A 8 -4.93 3.23 0.67
C CYS A 8 -4.59 4.38 1.57
N SER A 9 -3.75 4.11 2.59
CA SER A 9 -3.36 5.15 3.51
C SER A 9 -1.89 4.96 3.77
N ARG A 10 -1.22 6.03 4.23
CA ARG A 10 0.21 5.94 4.50
C ARG A 10 0.38 5.06 5.71
N ALA A 11 -0.71 4.89 6.49
CA ALA A 11 -0.63 4.06 7.68
C ALA A 11 -0.71 2.62 7.24
N ASP A 12 -1.05 2.39 5.96
CA ASP A 12 -1.15 1.04 5.46
C ASP A 12 0.25 0.58 5.11
N CYS A 13 1.21 1.54 5.09
CA CYS A 13 2.59 1.20 4.76
C CYS A 13 3.20 0.62 6.01
N LEU A 14 2.55 0.84 7.16
CA LEU A 14 3.07 0.34 8.40
C LEU A 14 2.59 -1.09 8.55
N LEU A 15 1.73 -1.54 7.62
CA LEU A 15 1.24 -2.90 7.69
C LEU A 15 1.91 -3.66 6.59
N THR A 16 2.35 -4.91 6.90
CA THR A 16 3.02 -5.70 5.91
C THR A 16 2.01 -6.64 5.29
N HIS A 17 0.77 -6.63 5.82
CA HIS A 17 -0.25 -7.50 5.29
C HIS A 17 -1.17 -6.66 4.45
N ARG A 18 -0.84 -5.36 4.27
CA ARG A 18 -1.68 -4.50 3.48
C ARG A 18 -0.79 -3.74 2.52
N LYS A 19 0.55 -3.83 2.72
CA LYS A 19 1.45 -3.12 1.83
C LYS A 19 1.43 -3.83 0.49
N GLN A 20 0.99 -5.10 0.49
CA GLN A 20 0.95 -5.84 -0.76
C GLN A 20 -0.15 -5.22 -1.61
N GLY A 21 -1.29 -4.88 -0.97
CA GLY A 21 -2.39 -4.29 -1.72
C GLY A 21 -2.03 -2.85 -1.99
N CYS A 22 -1.55 -2.14 -0.95
CA CYS A 22 -1.19 -0.75 -1.12
C CYS A 22 0.30 -0.69 -1.13
N GLN A 23 0.90 -0.87 -2.32
CA GLN A 23 2.34 -0.83 -2.42
C GLN A 23 2.72 0.54 -2.93
N LYS A 24 1.80 1.18 -3.67
CA LYS A 24 2.10 2.50 -4.22
C LYS A 24 2.07 3.49 -3.08
N THR A 25 1.16 3.29 -2.12
CA THR A 25 1.05 4.22 -1.00
C THR A 25 2.16 3.88 -0.02
N CYS A 26 2.67 2.65 -0.11
CA CYS A 26 3.73 2.25 0.80
C CYS A 26 5.02 2.83 0.27
N GLY A 27 5.15 2.90 -1.08
CA GLY A 27 6.36 3.44 -1.66
C GLY A 27 7.21 2.29 -2.10
N LEU A 28 6.63 1.07 -2.10
CA LEU A 28 7.38 -0.09 -2.51
C LEU A 28 7.71 0.08 -3.96
N CYS A 29 6.75 0.62 -4.74
CA CYS A 29 6.99 0.82 -6.15
C CYS A 29 6.28 2.12 -6.55
N CYS A 1 3.36 0.92 -11.93
CA CYS A 1 2.95 0.08 -10.77
C CYS A 1 2.11 0.89 -9.81
N GLU A 2 0.82 0.49 -9.65
CA GLU A 2 -0.05 1.20 -8.75
C GLU A 2 -0.52 0.22 -7.73
N ASN A 3 -1.38 0.70 -6.82
CA ASN A 3 -1.89 -0.17 -5.78
C ASN A 3 -2.95 -1.03 -6.42
N THR A 4 -3.24 -2.21 -5.82
CA THR A 4 -4.24 -3.09 -6.37
C THR A 4 -5.52 -2.88 -5.62
N ILE A 5 -5.48 -2.05 -4.56
CA ILE A 5 -6.68 -1.80 -3.79
C ILE A 5 -6.78 -0.32 -3.57
N SER A 6 -7.98 0.16 -3.19
CA SER A 6 -8.16 1.57 -2.96
C SER A 6 -8.30 1.76 -1.48
N GLY A 7 -8.48 3.03 -1.04
CA GLY A 7 -8.60 3.31 0.38
C GLY A 7 -7.25 3.11 0.98
N CYS A 8 -6.20 3.43 0.21
CA CYS A 8 -4.86 3.27 0.71
C CYS A 8 -4.57 4.40 1.65
N SER A 9 -3.74 4.12 2.66
CA SER A 9 -3.40 5.14 3.63
C SER A 9 -1.93 5.00 3.89
N ARG A 10 -1.31 6.06 4.46
CA ARG A 10 0.12 6.00 4.75
C ARG A 10 0.30 5.03 5.90
N ALA A 11 -0.78 4.77 6.66
CA ALA A 11 -0.67 3.85 7.78
C ALA A 11 -0.75 2.44 7.23
N ASP A 12 -1.08 2.31 5.93
CA ASP A 12 -1.17 1.00 5.33
C ASP A 12 0.24 0.57 4.98
N CYS A 13 1.18 1.53 5.00
CA CYS A 13 2.57 1.21 4.68
C CYS A 13 3.19 0.63 5.92
N LEU A 14 2.53 0.84 7.07
CA LEU A 14 3.05 0.32 8.32
C LEU A 14 2.53 -1.08 8.50
N LEU A 15 1.64 -1.52 7.58
CA LEU A 15 1.09 -2.85 7.67
C LEU A 15 1.78 -3.67 6.62
N THR A 16 2.14 -4.93 6.96
CA THR A 16 2.82 -5.77 6.01
C THR A 16 1.78 -6.64 5.35
N HIS A 17 0.53 -6.58 5.83
CA HIS A 17 -0.51 -7.39 5.25
C HIS A 17 -1.35 -6.51 4.38
N ARG A 18 -0.98 -5.22 4.25
CA ARG A 18 -1.74 -4.31 3.43
C ARG A 18 -0.78 -3.60 2.50
N LYS A 19 0.54 -3.74 2.76
CA LYS A 19 1.52 -3.07 1.91
C LYS A 19 1.52 -3.77 0.57
N GLN A 20 1.07 -5.04 0.55
CA GLN A 20 1.03 -5.78 -0.70
C GLN A 20 -0.06 -5.17 -1.56
N GLY A 21 -1.21 -4.84 -0.92
CA GLY A 21 -2.31 -4.26 -1.68
C GLY A 21 -1.95 -2.83 -1.99
N CYS A 22 -1.46 -2.10 -0.99
CA CYS A 22 -1.10 -0.71 -1.21
C CYS A 22 0.39 -0.64 -1.22
N GLN A 23 0.98 -0.91 -2.40
CA GLN A 23 2.41 -0.88 -2.51
C GLN A 23 2.80 0.50 -3.01
N LYS A 24 1.89 1.15 -3.77
CA LYS A 24 2.18 2.47 -4.30
C LYS A 24 2.14 3.44 -3.16
N THR A 25 1.20 3.23 -2.22
CA THR A 25 1.08 4.16 -1.10
C THR A 25 2.18 3.85 -0.12
N CYS A 26 2.72 2.62 -0.18
CA CYS A 26 3.77 2.25 0.73
C CYS A 26 5.06 2.84 0.20
N GLY A 27 5.18 2.90 -1.15
CA GLY A 27 6.38 3.46 -1.75
C GLY A 27 7.24 2.31 -2.19
N LEU A 28 6.66 1.09 -2.21
CA LEU A 28 7.43 -0.06 -2.63
C LEU A 28 7.75 0.12 -4.09
N CYS A 29 6.79 0.66 -4.86
CA CYS A 29 7.02 0.87 -6.27
C CYS A 29 6.30 2.16 -6.66
N CYS A 1 3.48 0.76 -12.06
CA CYS A 1 2.95 0.01 -10.88
C CYS A 1 2.04 0.89 -10.07
N GLU A 2 1.07 0.28 -9.37
CA GLU A 2 0.15 1.05 -8.57
C GLU A 2 -0.45 0.11 -7.56
N ASN A 3 -1.28 0.66 -6.64
CA ASN A 3 -1.89 -0.17 -5.64
C ASN A 3 -2.96 -0.98 -6.32
N THR A 4 -3.29 -2.16 -5.76
CA THR A 4 -4.31 -3.01 -6.38
C THR A 4 -5.59 -2.81 -5.62
N ILE A 5 -5.57 -1.97 -4.57
CA ILE A 5 -6.78 -1.75 -3.80
C ILE A 5 -6.91 -0.27 -3.61
N SER A 6 -8.13 0.18 -3.22
CA SER A 6 -8.36 1.59 -3.01
C SER A 6 -8.48 1.80 -1.53
N GLY A 7 -8.54 3.08 -1.10
CA GLY A 7 -8.65 3.38 0.31
C GLY A 7 -7.31 3.14 0.92
N CYS A 8 -6.25 3.44 0.15
CA CYS A 8 -4.91 3.24 0.64
C CYS A 8 -4.57 4.41 1.52
N SER A 9 -3.72 4.16 2.54
CA SER A 9 -3.34 5.20 3.44
C SER A 9 -1.87 5.01 3.73
N ARG A 10 -1.19 6.07 4.19
CA ARG A 10 0.22 5.96 4.49
C ARG A 10 0.37 5.09 5.72
N ALA A 11 -0.73 4.93 6.48
CA ALA A 11 -0.68 4.10 7.67
C ALA A 11 -0.78 2.67 7.23
N ASP A 12 -1.09 2.44 5.95
CA ASP A 12 -1.21 1.08 5.46
C ASP A 12 0.19 0.61 5.09
N CYS A 13 1.16 1.56 5.09
CA CYS A 13 2.53 1.21 4.74
C CYS A 13 3.16 0.64 5.98
N LEU A 14 2.47 0.79 7.13
CA LEU A 14 3.01 0.29 8.37
C LEU A 14 2.52 -1.13 8.53
N LEU A 15 1.71 -1.61 7.57
CA LEU A 15 1.20 -2.96 7.65
C LEU A 15 1.89 -3.75 6.57
N THR A 16 2.28 -5.00 6.90
CA THR A 16 2.96 -5.84 5.92
C THR A 16 1.93 -6.67 5.22
N HIS A 17 0.70 -6.74 5.79
CA HIS A 17 -0.33 -7.54 5.16
C HIS A 17 -1.19 -6.64 4.33
N ARG A 18 -0.81 -5.34 4.21
CA ARG A 18 -1.61 -4.43 3.43
C ARG A 18 -0.67 -3.70 2.48
N LYS A 19 0.65 -3.90 2.66
CA LYS A 19 1.60 -3.22 1.79
C LYS A 19 1.51 -3.86 0.42
N GLN A 20 1.04 -5.13 0.38
CA GLN A 20 0.94 -5.82 -0.89
C GLN A 20 -0.20 -5.17 -1.66
N GLY A 21 -1.32 -4.87 -0.96
CA GLY A 21 -2.44 -4.25 -1.64
C GLY A 21 -2.08 -2.82 -1.91
N CYS A 22 -1.52 -2.13 -0.90
CA CYS A 22 -1.15 -0.75 -1.07
C CYS A 22 0.34 -0.68 -1.09
N GLN A 23 0.92 -0.82 -2.29
CA GLN A 23 2.37 -0.78 -2.39
C GLN A 23 2.74 0.59 -2.92
N LYS A 24 1.83 1.22 -3.69
CA LYS A 24 2.11 2.52 -4.24
C LYS A 24 2.09 3.52 -3.11
N THR A 25 1.18 3.34 -2.14
CA THR A 25 1.10 4.28 -1.03
C THR A 25 2.18 3.92 -0.05
N CYS A 26 2.70 2.69 -0.14
CA CYS A 26 3.73 2.29 0.78
C CYS A 26 5.03 2.86 0.27
N GLY A 27 5.18 2.94 -1.08
CA GLY A 27 6.40 3.49 -1.64
C GLY A 27 7.24 2.33 -2.09
N LEU A 28 6.66 1.12 -2.10
CA LEU A 28 7.41 -0.05 -2.52
C LEU A 28 7.74 0.13 -3.97
N CYS A 29 6.77 0.68 -4.74
CA CYS A 29 6.99 0.88 -6.15
C CYS A 29 6.25 2.16 -6.54
N CYS A 1 3.99 1.44 -10.76
CA CYS A 1 3.29 0.42 -9.93
C CYS A 1 2.17 1.06 -9.17
N GLU A 2 0.92 0.64 -9.45
CA GLU A 2 -0.21 1.20 -8.77
C GLU A 2 -0.63 0.22 -7.72
N ASN A 3 -1.53 0.66 -6.83
CA ASN A 3 -2.00 -0.22 -5.78
C ASN A 3 -3.06 -1.11 -6.40
N THR A 4 -3.35 -2.25 -5.74
CA THR A 4 -4.35 -3.16 -6.28
C THR A 4 -5.65 -2.92 -5.54
N ILE A 5 -5.60 -2.08 -4.48
CA ILE A 5 -6.81 -1.82 -3.73
C ILE A 5 -6.89 -0.33 -3.53
N SER A 6 -8.11 0.16 -3.18
CA SER A 6 -8.29 1.58 -2.98
C SER A 6 -8.41 1.80 -1.50
N GLY A 7 -8.57 3.08 -1.09
CA GLY A 7 -8.69 3.38 0.33
C GLY A 7 -7.34 3.16 0.93
N CYS A 8 -6.28 3.45 0.16
CA CYS A 8 -4.94 3.26 0.66
C CYS A 8 -4.62 4.42 1.55
N SER A 9 -3.77 4.16 2.57
CA SER A 9 -3.40 5.20 3.49
C SER A 9 -1.92 5.03 3.75
N ARG A 10 -1.27 6.10 4.24
CA ARG A 10 0.15 6.01 4.52
C ARG A 10 0.33 5.11 5.72
N ALA A 11 -0.75 4.90 6.48
CA ALA A 11 -0.67 4.05 7.66
C ALA A 11 -0.75 2.63 7.19
N ASP A 12 -1.07 2.42 5.89
CA ASP A 12 -1.18 1.07 5.37
C ASP A 12 0.23 0.63 5.01
N CYS A 13 1.18 1.58 5.01
CA CYS A 13 2.56 1.26 4.67
C CYS A 13 3.19 0.68 5.90
N LEU A 14 2.52 0.84 7.06
CA LEU A 14 3.07 0.35 8.29
C LEU A 14 2.58 -1.07 8.46
N LEU A 15 1.75 -1.56 7.51
CA LEU A 15 1.23 -2.90 7.60
C LEU A 15 1.91 -3.70 6.52
N THR A 16 2.30 -4.96 6.85
CA THR A 16 2.97 -5.80 5.88
C THR A 16 1.93 -6.63 5.18
N HIS A 17 0.73 -6.74 5.76
CA HIS A 17 -0.32 -7.53 5.14
C HIS A 17 -1.17 -6.62 4.30
N ARG A 18 -0.79 -5.33 4.21
CA ARG A 18 -1.58 -4.41 3.42
C ARG A 18 -0.64 -3.68 2.48
N LYS A 19 0.68 -3.91 2.63
CA LYS A 19 1.63 -3.24 1.77
C LYS A 19 1.50 -3.85 0.40
N GLN A 20 1.05 -5.12 0.33
CA GLN A 20 0.90 -5.78 -0.95
C GLN A 20 -0.26 -5.14 -1.67
N GLY A 21 -1.36 -4.85 -0.92
CA GLY A 21 -2.52 -4.24 -1.53
C GLY A 21 -2.17 -2.82 -1.86
N CYS A 22 -1.53 -2.12 -0.91
CA CYS A 22 -1.16 -0.74 -1.14
C CYS A 22 0.32 -0.68 -1.18
N GLN A 23 0.89 -0.82 -2.39
CA GLN A 23 2.33 -0.79 -2.52
C GLN A 23 2.70 0.58 -3.04
N LYS A 24 1.77 1.22 -3.78
CA LYS A 24 2.04 2.53 -4.33
C LYS A 24 2.04 3.52 -3.19
N THR A 25 1.12 3.33 -2.22
CA THR A 25 1.04 4.25 -1.10
C THR A 25 2.14 3.92 -0.14
N CYS A 26 2.65 2.67 -0.20
CA CYS A 26 3.71 2.29 0.69
C CYS A 26 5.00 2.84 0.13
N GLY A 27 5.13 2.84 -1.21
CA GLY A 27 6.33 3.36 -1.82
C GLY A 27 7.22 2.19 -2.13
N LEU A 28 6.62 0.98 -2.18
CA LEU A 28 7.41 -0.21 -2.47
C LEU A 28 7.90 -0.08 -3.89
N CYS A 29 7.03 0.45 -4.78
CA CYS A 29 7.42 0.61 -6.15
C CYS A 29 6.72 1.87 -6.67
N CYS A 1 4.27 1.33 -11.05
CA CYS A 1 3.37 0.40 -10.31
C CYS A 1 2.22 1.16 -9.71
N GLU A 2 1.22 0.43 -9.17
CA GLU A 2 0.08 1.07 -8.59
C GLU A 2 -0.47 0.12 -7.57
N ASN A 3 -1.39 0.63 -6.71
CA ASN A 3 -1.97 -0.22 -5.70
C ASN A 3 -3.05 -1.03 -6.38
N THR A 4 -3.38 -2.21 -5.81
CA THR A 4 -4.39 -3.05 -6.41
C THR A 4 -5.67 -2.85 -5.64
N ILE A 5 -5.63 -2.02 -4.59
CA ILE A 5 -6.83 -1.78 -3.81
C ILE A 5 -6.93 -0.30 -3.59
N SER A 6 -8.13 0.17 -3.19
CA SER A 6 -8.32 1.59 -2.95
C SER A 6 -8.43 1.77 -1.46
N GLY A 7 -8.58 3.05 -1.02
CA GLY A 7 -8.69 3.32 0.40
C GLY A 7 -7.33 3.10 0.99
N CYS A 8 -6.29 3.42 0.20
CA CYS A 8 -4.93 3.23 0.68
C CYS A 8 -4.61 4.38 1.59
N SER A 9 -3.76 4.11 2.60
CA SER A 9 -3.38 5.16 3.52
C SER A 9 -1.91 5.00 3.75
N ARG A 10 -1.25 6.07 4.24
CA ARG A 10 0.18 6.00 4.49
C ARG A 10 0.39 5.10 5.68
N ALA A 11 -0.68 4.88 6.47
CA ALA A 11 -0.57 4.03 7.63
C ALA A 11 -0.64 2.59 7.16
N ASP A 12 -1.00 2.40 5.87
CA ASP A 12 -1.10 1.05 5.35
C ASP A 12 0.31 0.60 5.01
N CYS A 13 1.25 1.57 4.98
CA CYS A 13 2.64 1.23 4.66
C CYS A 13 3.25 0.65 5.90
N LEU A 14 2.58 0.86 7.05
CA LEU A 14 3.10 0.35 8.30
C LEU A 14 2.58 -1.06 8.47
N LEU A 15 1.71 -1.51 7.53
CA LEU A 15 1.18 -2.84 7.62
C LEU A 15 1.85 -3.65 6.55
N THR A 16 2.25 -4.89 6.89
CA THR A 16 2.93 -5.74 5.93
C THR A 16 1.90 -6.62 5.27
N HIS A 17 0.67 -6.68 5.85
CA HIS A 17 -0.36 -7.51 5.28
C HIS A 17 -1.24 -6.65 4.41
N ARG A 18 -0.86 -5.36 4.24
CA ARG A 18 -1.67 -4.48 3.43
C ARG A 18 -0.76 -3.74 2.48
N LYS A 19 0.58 -3.90 2.66
CA LYS A 19 1.51 -3.20 1.80
C LYS A 19 1.44 -3.85 0.44
N GLN A 20 0.98 -5.13 0.38
CA GLN A 20 0.89 -5.82 -0.88
C GLN A 20 -0.23 -5.19 -1.66
N GLY A 21 -1.35 -4.88 -0.98
CA GLY A 21 -2.47 -4.27 -1.66
C GLY A 21 -2.12 -2.84 -1.95
N CYS A 22 -1.58 -2.14 -0.94
CA CYS A 22 -1.21 -0.75 -1.13
C CYS A 22 0.28 -0.69 -1.14
N GLN A 23 0.87 -0.85 -2.33
CA GLN A 23 2.31 -0.81 -2.45
C GLN A 23 2.69 0.56 -2.97
N LYS A 24 1.76 1.19 -3.73
CA LYS A 24 2.04 2.50 -4.29
C LYS A 24 2.03 3.50 -3.15
N THR A 25 1.12 3.31 -2.18
CA THR A 25 1.03 4.25 -1.07
C THR A 25 2.14 3.92 -0.11
N CYS A 26 2.67 2.68 -0.18
CA CYS A 26 3.73 2.29 0.71
C CYS A 26 5.01 2.87 0.15
N GLY A 27 5.13 2.89 -1.19
CA GLY A 27 6.33 3.44 -1.81
C GLY A 27 7.21 2.28 -2.18
N LEU A 28 6.63 1.06 -2.18
CA LEU A 28 7.40 -0.11 -2.53
C LEU A 28 7.80 0.03 -3.97
N CYS A 29 6.87 0.54 -4.80
CA CYS A 29 7.16 0.71 -6.20
C CYS A 29 6.32 1.88 -6.70
N CYS A 1 3.40 0.88 -11.84
CA CYS A 1 2.95 0.04 -10.68
C CYS A 1 2.12 0.85 -9.74
N GLU A 2 0.83 0.47 -9.58
CA GLU A 2 -0.05 1.19 -8.71
C GLU A 2 -0.52 0.22 -7.66
N ASN A 3 -1.40 0.69 -6.76
CA ASN A 3 -1.91 -0.17 -5.73
C ASN A 3 -2.96 -1.05 -6.38
N THR A 4 -3.27 -2.20 -5.74
CA THR A 4 -4.26 -3.10 -6.31
C THR A 4 -5.56 -2.87 -5.57
N ILE A 5 -5.53 -2.06 -4.50
CA ILE A 5 -6.74 -1.80 -3.76
C ILE A 5 -6.84 -0.32 -3.56
N SER A 6 -8.05 0.16 -3.19
CA SER A 6 -8.24 1.58 -2.98
C SER A 6 -8.36 1.79 -1.49
N GLY A 7 -8.53 3.07 -1.08
CA GLY A 7 -8.66 3.35 0.34
C GLY A 7 -7.31 3.15 0.94
N CYS A 8 -6.25 3.46 0.16
CA CYS A 8 -4.90 3.28 0.65
C CYS A 8 -4.62 4.41 1.59
N SER A 9 -3.76 4.15 2.60
CA SER A 9 -3.42 5.17 3.56
C SER A 9 -1.95 5.02 3.83
N ARG A 10 -1.32 6.09 4.35
CA ARG A 10 0.11 6.02 4.65
C ARG A 10 0.29 5.09 5.81
N ALA A 11 -0.79 4.84 6.58
CA ALA A 11 -0.69 3.96 7.72
C ALA A 11 -0.76 2.53 7.22
N ASP A 12 -1.08 2.37 5.92
CA ASP A 12 -1.17 1.04 5.37
C ASP A 12 0.24 0.60 5.01
N CYS A 13 1.19 1.56 5.03
CA CYS A 13 2.57 1.24 4.70
C CYS A 13 3.19 0.67 5.95
N LEU A 14 2.51 0.85 7.10
CA LEU A 14 3.02 0.35 8.33
C LEU A 14 2.50 -1.07 8.51
N LEU A 15 1.69 -1.53 7.52
CA LEU A 15 1.16 -2.87 7.61
C LEU A 15 1.88 -3.69 6.58
N THR A 16 2.20 -4.95 6.94
CA THR A 16 2.90 -5.81 6.01
C THR A 16 1.88 -6.67 5.29
N HIS A 17 0.64 -6.69 5.81
CA HIS A 17 -0.38 -7.51 5.18
C HIS A 17 -1.23 -6.61 4.33
N ARG A 18 -0.83 -5.32 4.19
CA ARG A 18 -1.62 -4.40 3.39
C ARG A 18 -0.67 -3.67 2.47
N LYS A 19 0.65 -3.87 2.65
CA LYS A 19 1.60 -3.20 1.80
C LYS A 19 1.52 -3.82 0.42
N GLN A 20 1.06 -5.09 0.36
CA GLN A 20 0.95 -5.76 -0.92
C GLN A 20 -0.20 -5.11 -1.67
N GLY A 21 -1.31 -4.82 -0.96
CA GLY A 21 -2.46 -4.20 -1.61
C GLY A 21 -2.09 -2.78 -1.93
N CYS A 22 -1.50 -2.08 -0.95
CA CYS A 22 -1.12 -0.69 -1.16
C CYS A 22 0.37 -0.64 -1.18
N GLN A 23 0.96 -0.85 -2.36
CA GLN A 23 2.40 -0.82 -2.46
C GLN A 23 2.79 0.54 -2.98
N LYS A 24 1.89 1.18 -3.74
CA LYS A 24 2.20 2.50 -4.28
C LYS A 24 2.16 3.49 -3.15
N THR A 25 1.22 3.29 -2.20
CA THR A 25 1.09 4.22 -1.09
C THR A 25 2.18 3.90 -0.10
N CYS A 26 2.71 2.67 -0.15
CA CYS A 26 3.76 2.28 0.76
C CYS A 26 5.05 2.86 0.23
N GLY A 27 5.19 2.90 -1.12
CA GLY A 27 6.40 3.44 -1.70
C GLY A 27 7.26 2.29 -2.12
N LEU A 28 6.67 1.07 -2.12
CA LEU A 28 7.43 -0.10 -2.51
C LEU A 28 7.77 0.05 -3.97
N CYS A 29 6.82 0.59 -4.76
CA CYS A 29 7.06 0.78 -6.17
C CYS A 29 6.39 2.09 -6.57
#